data_2OGO
#
_entry.id   2OGO
#
_cell.length_a   170.115
_cell.length_b   405.873
_cell.length_c   695.243
_cell.angle_alpha   90.00
_cell.angle_beta   90.00
_cell.angle_gamma   90.00
#
_symmetry.space_group_name_H-M   'I 2 2 2'
#
loop_
_entity.id
_entity.type
_entity.pdbx_description
1 polymer '23S ribosomal RNA'
2 polymer '50S ribosomal protein L3'
3 non-polymer Retapamulin
#
loop_
_entity_poly.entity_id
_entity_poly.type
_entity_poly.pdbx_seq_one_letter_code
_entity_poly.pdbx_strand_id
1 'polyribonucleotide'
;GGUCAAGAUAGUAAGGGUCCACGGUGGAUGCCCUGGCGCUGGAGCCGAUGAAGGACGCGAUUACCUGCGAAAAGCCCCGA
CGAGCUGGAGAUACGCUUUGACUCGGGGAUGUCCGAAUGGGGAAACCCACCUCGUAAGAGGUAUCCGCAAGGAUGGGAAC
UCAGGGAACUGAAACAUCUCAGUACCUGAAGGAGAAGAAAGAGAAUUCGAUUCCGUUAGUAGCGGCGAGCGAACCCGGAU
CAGCCCAAACCGAAACGCUUGCGUUUCGGGGUUGUAGGACCAGUUUUUAAGAUUCAACCCCUCAAGCCGAAGUGGCUGGA
AAGCUACACCUCAGAAGGUGAGAGUCCUGUAGGCGAACGAGCGGUUGACUGUACUGGCACCUGAGUAGGUCGUUGUUCGU
GAAACGAUGACUGAAUCCGCGCGGACCACCGCGCAAGGCUAAAUACUCCCAGUGACCGAUAGCGCAUAGUACCGUGAGGG
AAAGGUGAAAAGAACCCCGGGAGGGGAGUGAAAGAGAACCUGAAACCGUGGACUUACAAGCAGUCAUGGCACCUUAUGCG
UGUUAUGGCGUGCCUAUUGAAGCAUGAGCCGGCGACUUAGACCUGACGUGCGAGCUUAAGUUGAAAAACGGAGGCGGAGC
GAAAGCGAGUCCGAAUAGGGCGGCAUUAGUACGUCGGGCUAGACUCGAAACCAGGUGAGCUAAGCAUGACCAGGUUGAAA
CCCCCGUGACAGGGGGCGGAGGACCGAACCGGUGCCUGCUGAAACAGUCUCGGAUGAGUUGUGUUUAGGAGUGAAAAGCU
AACCGAACCUGGAGAUAGCUAGUUCUCCCCGAAAUGUAUUGAGGUACAGCCUCGGAUGUUGACCAUGUCCUGUAGAGCAC
UCACAAGGCUAGGGGGCCUACCAGCUUACCAAACCUUAUGAAACUCCGAAGGGGCACGCGUUUAGUCCGGGAGUGAGGCU
GCGAGAGCUAACUUCCGUAGCCGAGAGGGAAACAACCCAGACCAUCAGCUAAGGUCCCUAAAUGAUCGCUCAGUGGUUAA
GGAUGUGUCGUCGCAUAGACAGCCAGGAGGUUGGCUUAGAAGCAGCCACCCUUCAAAGAGUGCGUAAUAGCUCACUGGUC
GAGUGACGAUGCGCCGAAAAUGAUCGGGGCUCAAGUGAUCUACCGAAGCUAUGGAUUCAACUCGCGAAGCGAGUUGUCUG
GUAGGGGAGCGUUCAGUCCGCGGAGAAGCCAUACCGGAAGGAGUGGUGGAGCCGACUGAAGUGCGGAUGCCGGCAUGAGU
AACGAUAAAAGAAGUGAGAAUCUUCUUCGCCGUAAGGACAAGGGUUCCUGGGGAAGGGUCGUCCGCCCAGGGAAAGUCGG
GACCUAAGGUGAGGCCGAACGGCGCAGCCGAUGGACAGCAGGUCAAGAUUCCUGCACCGAUCAUGUGGAGUGAUGGAGGG
ACGCAUUACGCUAUCCAAUGCCAAGCUAUGGCUAUGCUGGUUGGUACGCUCAAGGGCGAUCGGGUCAGAAAAUCUACCGG
UCACAUGCCUCAGACGUAUCGGGAGCUUCCUCGGAAGCGAAGUUGGAAACGCGACGGUGCCAAGAAAAGCUUCUAAACGU
UGAAACAUGAUUGCCCGUACCGCAAACCGACACAGGUGUCCGAGUGUCAAUGCACUAAGGCGCGCGAGAGAACCCUCGUU
AAGGAACUUUGCAAUCUCACCCCGUAACUUCGGAAGAAGGGGUCCCCACGCUUCGCGUGGGGCGCAGUGAAUAGGCCCAG
GCGACUGUUUACCAAAAUCACAGCACUCUGCCAACACGAACAGUGGACGUAUAGGGUGUGACGCCUGCCCGGUGCCGGAA
GGUCAAGUGGAGCGGUGCAAGCUGCGAAAUGAAGCCCCGGUGAACGGCGGCCGUAACUAUAACGGUCCUAAGGUAGCGAA
AUUCCUUGUCGGGUAAGUUCCGACCUGCACGAAAGGCGUAACGAUCUGGGCGCUGUCUCAACGAGGGACUCGGUGAAAUU
GAAUUGGCUGUAAAGAUGCGGCCUACCCGUAGCAGGACGAAAAGACCCCGUGGAGCUUUACUAUAGUCUGGCAUUGGGAU
UCGGGUUUCUCUGCGUAGGAUAGGUGGGAGCCUGCGAAACUGGCCUUUUGGGGUCGGUGGAGGCAACGGUGAAAUACCAC
CCUGAGAAACUUGGAUUUCUAACCUGAAAAAUCACUUUCGGGGACCGUGCUUGGCGGGUAGUUUGACUGGGGCGGUCGCC
UCCCAAAAUGUAACGGAGGCGCCCAAAGGUCACCUCAAGACGGUUGGAAAUCGUCUGUAGAGCGCAAAGGUAGAAGGUGG
CUUGACUGCGAGACUGACACGUCGAGCAGGGAGGAAACUCGGGCUUAGUGAACCGGUGGUACCGUGUGGAAGGGCCAUCG
AUCAACGGAUAAAAGUUACCCCGGGGAUAACAGGCUGAUCUCCCCCGAGAGUCCAUAUCGGCGGGGAGGUUUGGCACCUC
GAUGUCGGCUCGUCGCAUCCUGGGGCUGAAGAAGGUCCCAAGGGUUGGGCUGUUCGCCCAUUAAAGCGGCACGCGAGCUG
GGUUCAGAACGUCGUGAGACAGUUCGGUCUCUAUCCGCUACGGGCGCAGGAGAAUUGAGGGGAGUUGCUCCUAGUACGAG
AGGACCGGAGUGAACGGACCGCUGGUCUCCCUGCUGUCGUACCAACGGCACAUGCAGGGUAGCUAUGUCCGGAACGGAUA
ACCGCUGAAAGCAUCUAAGCGGGAAGCCAGCCCCAAGAUGAGUUCUCCCACUGUUUAUCAGGUAAGACUCCCGGAAGACC
ACCGGGUUAAGAGGCCAGGCGUGCACGCAUAGCAAUGUGUUCAGCGGACUGGUGCUCAUCAGUCGAGGUCUUGACCACUC
;
0
2 'polypeptide(L)'
;MKGILGTKIGMTQIWKNDRAIPVTVVLAGPCPIVQRKTAQTDGYEAVQIGYAPKAERKVNKPMQGHFAKAGVAPTRILRE
FRGFAPDGDSVNVDIFAEGEKIDATGTSKGKGTQGVMKRWNFAGGPASHGSKKWHRRPGSIGQRKTPGRVYKGKRMAGHM
GMERVTVQNLEVVEIRAGENLILVKGAIPGANGGLVVLRSAAKASAAKGGK
;
B
#
loop_
_chem_comp.id
_chem_comp.type
_chem_comp.name
_chem_comp.formula
A RNA linking ADENOSINE-5'-MONOPHOSPHATE 'C10 H14 N5 O7 P'
C RNA linking CYTIDINE-5'-MONOPHOSPHATE 'C9 H14 N3 O8 P'
G RNA linking GUANOSINE-5'-MONOPHOSPHATE 'C10 H14 N5 O8 P'
G34 non-polymer Retapamulin 'C30 H47 N O4 S'
U RNA linking URIDINE-5'-MONOPHOSPHATE 'C9 H13 N2 O9 P'
#
# COMPACT_ATOMS: atom_id res chain seq x y z
CA MET B 1 -2.85 -11.62 -8.58
CA LYS B 2 -5.34 -9.71 -6.39
CA GLY B 3 -6.52 -6.30 -7.51
CA ILE B 4 -6.29 -2.75 -6.18
CA LEU B 5 -8.75 -1.59 -3.49
CA GLY B 6 -9.89 1.34 -1.30
CA THR B 7 -10.22 1.22 2.50
CA LYS B 8 -12.79 2.01 5.17
CA ILE B 9 -11.16 0.94 8.38
CA GLY B 10 -12.11 -1.75 10.79
CA MET B 11 -14.55 -2.18 13.63
CA THR B 12 -13.99 -5.56 15.24
CA GLN B 13 -15.78 -8.75 14.44
CA ILE B 14 -15.15 -11.86 16.54
CA TRP B 15 -14.31 -15.16 14.82
CA LYS B 16 -14.59 -18.69 16.21
CA ASN B 17 -15.45 -16.90 19.44
CA ASP B 18 -12.06 -15.26 19.80
CA ARG B 19 -11.93 -11.45 19.28
CA ALA B 20 -9.98 -10.57 16.11
CA ILE B 21 -9.67 -7.17 14.29
CA PRO B 22 -9.74 -6.07 10.62
CA VAL B 23 -9.09 -3.73 7.74
CA THR B 24 -12.45 -3.48 6.02
CA VAL B 25 -11.45 -2.67 2.45
CA VAL B 26 -13.73 -2.08 -0.54
CA LEU B 27 -12.14 -2.37 -4.03
CA ALA B 28 -15.03 -2.71 -6.51
CA GLY B 29 -14.74 -4.36 -9.85
CA PRO B 30 -11.16 -3.74 -11.15
CA CYS B 31 -10.99 -4.41 -14.92
CA PRO B 32 -8.10 -5.14 -17.38
CA ILE B 33 -7.61 -2.01 -19.48
CA VAL B 34 -4.71 -3.86 -21.12
CA GLN B 35 -3.12 -7.27 -21.29
CA ARG B 36 0.62 -6.56 -21.65
CA LYS B 37 2.26 -9.60 -23.28
CA THR B 38 5.95 -10.17 -24.01
CA ALA B 39 5.47 -10.92 -27.68
CA GLN B 40 4.47 -7.25 -27.67
CA THR B 41 5.50 -5.19 -24.62
CA ASP B 42 7.50 -7.72 -22.55
CA GLY B 43 6.97 -9.07 -19.10
CA TYR B 44 3.46 -10.10 -18.01
CA GLU B 45 1.12 -7.67 -16.29
CA ALA B 46 -2.55 -6.62 -16.20
CA VAL B 47 -3.86 -3.03 -16.17
CA GLN B 48 -7.05 -2.01 -14.35
CA ILE B 49 -9.14 0.43 -12.33
CA GLY B 50 -9.32 1.33 -8.64
CA TYR B 51 -11.67 4.31 -8.37
CA ALA B 52 -13.84 5.80 -11.21
CA PRO B 53 -14.44 9.43 -12.58
CA LYS B 54 -16.80 11.00 -15.08
CA ALA B 55 -15.62 10.98 -18.68
CA GLU B 56 -15.77 14.77 -19.00
CA ARG B 57 -13.04 15.18 -16.38
CA LYS B 58 -10.78 12.57 -18.00
CA VAL B 59 -8.04 14.17 -20.17
CA ASN B 60 -8.04 12.69 -23.70
CA LYS B 61 -5.50 9.99 -24.30
CA PRO B 62 -6.94 7.64 -21.65
CA MET B 63 -10.36 7.74 -23.30
CA GLN B 64 -9.30 6.28 -26.60
CA GLY B 65 -6.53 4.90 -24.38
CA HIS B 66 -9.36 2.99 -22.71
CA PHE B 67 -11.32 2.45 -25.92
CA ALA B 68 -9.00 -0.47 -26.58
CA LYS B 69 -10.18 -3.40 -24.48
CA ALA B 70 -11.74 -1.10 -21.91
CA GLY B 71 -14.64 0.84 -20.42
CA VAL B 72 -15.60 3.90 -18.35
CA ALA B 73 -12.61 5.43 -16.67
CA PRO B 74 -10.94 4.94 -13.26
CA THR B 75 -9.16 7.77 -11.48
CA ARG B 76 -6.65 5.00 -10.68
CA ILE B 77 -4.87 2.38 -12.87
CA LEU B 78 -2.00 0.03 -11.90
CA ARG B 79 -0.35 -3.35 -12.67
CA GLU B 80 0.54 -6.80 -11.30
CA PHE B 81 3.39 -9.29 -12.06
CA ARG B 82 2.83 -12.75 -13.51
CA GLY B 83 -0.83 -11.72 -13.63
CA PHE B 84 -3.46 -14.13 -14.97
CA ALA B 85 -6.29 -11.68 -15.66
CA PRO B 86 -8.84 -14.27 -16.94
CA ASP B 87 -12.21 -12.76 -17.89
CA GLY B 88 -13.22 -9.08 -17.93
CA ASP B 89 -13.22 -7.67 -14.38
CA SER B 90 -10.99 -8.59 -11.49
CA VAL B 91 -13.11 -8.97 -8.34
CA ASN B 92 -12.63 -11.51 -5.55
CA VAL B 93 -15.63 -13.32 -7.02
CA ASP B 94 -13.16 -16.07 -7.79
CA ILE B 95 -9.99 -14.29 -6.58
CA PHE B 96 -8.75 -14.13 -3.00
CA ALA B 97 -10.01 -16.86 -0.67
CA GLU B 98 -11.72 -16.74 2.72
CA GLY B 99 -8.79 -17.57 4.97
CA GLU B 100 -5.90 -17.27 2.54
CA LYS B 101 -3.04 -15.15 3.70
CA ILE B 102 -2.36 -12.17 1.45
CA ASP B 103 0.25 -9.43 1.30
CA ALA B 104 -1.34 -5.96 1.35
CA THR B 105 0.47 -2.77 0.38
CA GLY B 106 -0.51 0.90 0.41
CA THR B 107 1.34 4.13 1.20
CA SER B 108 1.54 5.84 4.58
CA LYS B 109 0.85 8.60 7.12
CA GLY B 110 1.89 12.08 6.08
CA LYS B 111 4.15 12.83 9.03
CA GLY B 112 6.27 15.66 7.73
CA THR B 113 9.95 16.37 8.06
CA GLN B 114 10.20 14.95 11.56
CA GLY B 115 13.53 13.63 12.74
CA VAL B 116 16.18 12.07 15.00
CA MET B 117 13.15 10.68 16.83
CA LYS B 118 12.24 9.04 13.47
CA ARG B 119 15.57 7.62 12.32
CA TRP B 120 15.68 5.60 15.54
CA ASN B 121 13.50 4.82 18.52
CA PHE B 122 15.63 5.74 21.60
CA ALA B 123 18.51 8.27 21.30
CA GLY B 124 17.78 11.38 23.28
CA GLY B 125 19.84 13.78 25.36
CA PRO B 126 19.58 14.18 29.17
CA ALA B 127 16.47 16.29 29.43
CA SER B 128 17.73 17.24 32.87
CA HIS B 129 21.28 17.99 33.93
CA GLY B 130 22.34 20.32 31.00
CA SER B 131 19.56 21.65 28.67
CA LYS B 132 21.86 23.31 26.17
CA LYS B 133 20.09 20.87 23.79
CA TRP B 134 17.65 18.74 25.88
CA HIS B 135 16.81 15.33 24.30
CA ARG B 136 15.79 15.91 20.62
CA ARG B 137 18.87 16.04 18.28
CA PRO B 138 21.68 13.72 17.13
CA GLY B 139 24.89 13.94 19.08
CA SER B 140 27.93 13.50 16.85
CA ILE B 141 27.98 13.04 13.11
CA GLY B 142 31.24 10.98 12.98
CA GLN B 143 35.01 11.37 13.99
CA ARG B 144 37.86 13.89 13.44
CA LYS B 145 40.91 14.68 11.26
CA THR B 146 40.34 11.65 9.02
CA PRO B 147 37.00 10.50 7.42
CA GLY B 148 35.93 14.07 6.73
CA ARG B 149 32.74 12.72 5.09
CA VAL B 150 29.67 11.49 6.95
CA TYR B 151 28.74 8.14 5.36
CA LYS B 152 25.78 7.59 3.05
CA GLY B 153 22.51 7.24 4.84
CA LYS B 154 23.25 8.91 8.18
CA ARG B 155 21.03 9.47 11.17
CA MET B 156 19.51 12.98 10.67
CA ALA B 157 15.97 14.40 10.28
CA GLY B 158 14.00 14.44 7.06
CA HIS B 159 10.40 14.25 5.79
CA MET B 160 9.74 10.62 6.40
CA GLY B 161 6.21 9.45 5.74
CA MET B 162 5.38 8.83 2.07
CA GLU B 163 7.38 5.62 2.22
CA ARG B 164 5.01 3.41 0.22
CA VAL B 165 5.39 0.19 2.29
CA THR B 166 3.72 -3.23 2.37
CA VAL B 167 3.28 -5.43 5.44
CA GLN B 168 3.77 -9.22 5.17
CA ASN B 169 1.19 -12.04 5.11
CA LEU B 170 -1.66 -11.00 7.43
CA GLU B 171 -4.71 -13.25 6.82
CA VAL B 172 -8.15 -12.63 5.36
CA VAL B 173 -10.85 -13.33 7.92
CA GLU B 174 -14.12 -12.79 6.06
CA ILE B 175 -15.04 -11.70 2.50
CA ARG B 176 -18.62 -10.32 2.27
CA ALA B 177 -18.67 -10.60 -1.53
CA GLY B 178 -21.96 -8.74 -1.95
CA GLU B 179 -20.65 -5.32 -0.96
CA ASN B 180 -17.21 -5.98 -2.48
CA LEU B 181 -15.52 -6.17 0.92
CA ILE B 182 -12.53 -8.06 2.29
CA LEU B 183 -11.94 -8.04 6.03
CA VAL B 184 -8.22 -8.28 6.61
CA LYS B 185 -6.38 -9.21 9.85
CA GLY B 186 -5.39 -5.68 10.83
CA ALA B 187 -2.63 -3.62 9.20
CA ILE B 188 -3.31 -2.60 5.61
CA PRO B 189 -1.43 0.76 6.01
CA GLY B 190 -3.12 3.82 4.54
CA ALA B 191 -5.47 6.63 5.54
CA ASN B 192 -9.07 5.45 5.34
CA GLY B 193 -9.88 6.85 1.93
CA GLY B 194 -6.46 5.80 0.69
CA LEU B 195 -5.32 3.35 -2.00
CA VAL B 196 -4.40 -0.06 -0.68
CA VAL B 197 -3.25 -2.91 -2.90
CA LEU B 198 -4.09 -6.29 -1.40
CA ARG B 199 -1.84 -8.68 -3.37
CA SER B 200 -1.46 -12.36 -2.41
CA ALA B 201 0.78 -14.64 -0.30
CA ALA B 202 4.22 -13.37 -1.25
CA LYS B 203 5.68 -15.68 1.40
CA ALA B 204 5.08 -19.45 1.25
CA SER B 205 5.98 -19.07 4.93
C8 G34 C . 48.40 21.37 22.18
C5 G34 C . 46.55 20.56 24.63
C6 G34 C . 48.08 20.02 24.42
N1 G34 C . 45.73 27.45 30.75
C2 G34 C . 45.57 20.14 20.79
C4 G34 C . 46.08 20.72 23.10
O1 G34 C . 46.31 18.38 22.26
O2 G34 C . 44.91 24.95 22.17
C1 G34 C . 46.09 21.57 20.80
C3 G34 C . 46.03 19.54 22.09
C7 G34 C . 49.00 20.98 23.61
C9 G34 C . 46.85 21.79 22.16
C10 G34 C . 46.71 23.27 22.66
C11 G34 C . 45.21 23.75 22.87
C12 G34 C . 44.89 24.01 24.44
C13 G34 C . 45.13 22.74 25.35
C14 G34 C . 46.49 21.99 25.38
C15 G34 C . 45.71 19.51 25.44
C16 G34 C . 48.86 19.77 25.74
C17 G34 C . 47.50 24.26 21.67
C18 G34 C . 43.44 24.44 24.70
C19 G34 C . 45.84 25.10 24.96
C20 G34 C . 45.62 26.25 25.54
O3 G34 C . 46.92 21.87 26.83
C21 G34 C . 47.81 22.72 27.37
O4 G34 C . 48.28 23.61 26.71
C22 G34 C . 48.21 22.58 28.82
S1 G34 C . 48.84 24.17 29.50
C23 G34 C . 47.27 25.00 29.83
C24 G34 C . 47.16 25.42 31.29
C25 G34 C . 45.78 26.14 31.49
C26 G34 C . 44.67 25.25 30.81
C27 G34 C . 44.65 25.79 29.34
C28 G34 C . 45.73 26.91 29.35
C29 G34 C . 47.11 26.26 28.98
C30 G34 C . 44.43 28.07 31.02
#